data_9MIR
#
_entry.id   9MIR
#
_cell.length_a   1.00
_cell.length_b   1.00
_cell.length_c   1.00
_cell.angle_alpha   90.00
_cell.angle_beta   90.00
_cell.angle_gamma   90.00
#
_symmetry.space_group_name_H-M   'P 1'
#
loop_
_entity.id
_entity.type
_entity.pdbx_description
1 polymer 'receptor protein serine/threonine kinase'
2 polymer 'Bone Morphogenetic Protein 6 (BMP6)'
3 polymer ActRIIB
4 branched beta-D-mannopyranose-(1-4)-2-acetamido-2-deoxy-beta-D-glucopyranose-(1-4)-2-acetamido-2-deoxy-beta-D-glucopyranose
5 branched 2-acetamido-2-deoxy-beta-D-glucopyranose-(1-4)-2-acetamido-2-deoxy-beta-D-glucopyranose
6 non-polymer 2-acetamido-2-deoxy-beta-D-glucopyranose
#
loop_
_entity_poly.entity_id
_entity_poly.type
_entity_poly.pdbx_seq_one_letter_code
_entity_poly.pdbx_strand_id
1 'polypeptide(L)'
;QNLDSMLHGTGMKSDLDQKKPENGVTLAPEDTLPFLKCYCSGHCPDDAINNTCITNGHCFAIIEEDDQGETTLASGCMKY
EGSDFQCKDSPKAQLRRTIECCRTNLCNQYLQPTLPPVVIGPFFDGSIRDKTHTCPPCPAPELLG
;
C,D
2 'polypeptide(L)'
;TACRKHELYVSFQDLGWQDWIIAPKGYAANYCDGECSFPLNAHMNATNHAIVQTLVHLMNPEYVPKPCCAPTKLNAISVL
YFDDNSNVILKKYRNMVVRACGCH
;
E,B
3 'polypeptide(L)'
;SGRGEAETRECIYYNANWELERTNQSGLERCEGEQDKRLHCYASWRNSSGTIELVKKGCWLDDFNCYDRQECVATEENPQ
VYFCCCEGNFCNERFTHLPEAGGPEVTYEPPPTAPTGGGTHTCPPCPAPELLG
;
F,A
#
# COMPACT_ATOMS: atom_id res chain seq x y z
N THR A 26 -14.76 19.46 -10.86
CA THR A 26 -14.79 19.89 -9.47
C THR A 26 -14.28 18.76 -8.58
N LEU A 27 -14.80 17.56 -8.78
CA LEU A 27 -14.31 16.37 -8.07
C LEU A 27 -14.42 15.18 -9.00
N ALA A 28 -13.45 14.27 -8.90
CA ALA A 28 -13.33 13.18 -9.87
C ALA A 28 -14.39 12.12 -9.61
N PRO A 29 -14.90 11.48 -10.68
CA PRO A 29 -15.94 10.46 -10.49
C PRO A 29 -15.44 9.20 -9.83
N GLU A 30 -14.13 8.97 -9.79
CA GLU A 30 -13.56 7.83 -9.09
C GLU A 30 -13.42 8.06 -7.59
N ASP A 31 -13.50 9.30 -7.14
CA ASP A 31 -13.50 9.58 -5.71
C ASP A 31 -14.79 10.29 -5.33
N THR A 32 -15.91 9.75 -5.81
CA THR A 32 -17.20 10.45 -5.70
C THR A 32 -17.84 10.19 -4.34
N LEU A 33 -18.55 11.19 -3.85
CA LEU A 33 -19.16 11.11 -2.53
C LEU A 33 -20.16 9.95 -2.47
N PRO A 34 -20.10 9.11 -1.43
CA PRO A 34 -21.04 8.00 -1.29
C PRO A 34 -22.47 8.48 -1.14
N PHE A 35 -23.32 8.05 -2.08
CA PHE A 35 -24.75 8.36 -2.01
C PHE A 35 -25.62 7.14 -2.31
N LEU A 36 -25.24 6.31 -3.27
CA LEU A 36 -26.06 5.19 -3.69
C LEU A 36 -26.28 4.20 -2.54
N LYS A 37 -27.40 3.49 -2.59
CA LYS A 37 -27.80 2.53 -1.56
C LYS A 37 -27.92 1.15 -2.17
N CYS A 38 -27.13 0.20 -1.69
CA CYS A 38 -27.10 -1.15 -2.20
C CYS A 38 -27.57 -2.14 -1.14
N TYR A 39 -28.03 -3.31 -1.59
CA TYR A 39 -28.58 -4.32 -0.71
C TYR A 39 -27.58 -5.45 -0.51
N CYS A 40 -27.86 -6.31 0.45
CA CYS A 40 -26.80 -7.00 1.19
C CYS A 40 -27.32 -8.40 1.52
N SER A 41 -26.76 -9.42 0.91
CA SER A 41 -27.10 -10.81 1.19
C SER A 41 -25.87 -11.66 1.43
N GLY A 42 -24.82 -11.43 0.64
CA GLY A 42 -23.53 -12.09 0.75
C GLY A 42 -22.52 -11.19 1.41
N HIS A 43 -21.74 -10.50 0.58
CA HIS A 43 -20.81 -9.48 1.03
C HIS A 43 -21.52 -8.41 1.84
N CYS A 44 -21.29 -8.38 3.16
CA CYS A 44 -22.13 -7.59 4.04
C CYS A 44 -21.30 -6.95 5.16
N PRO A 45 -21.14 -5.64 5.13
CA PRO A 45 -20.11 -4.99 5.94
C PRO A 45 -20.46 -4.94 7.42
N ASP A 46 -19.51 -4.46 8.21
CA ASP A 46 -19.66 -4.46 9.67
C ASP A 46 -20.75 -3.50 10.14
N ASP A 47 -21.08 -2.48 9.35
CA ASP A 47 -22.00 -1.43 9.78
C ASP A 47 -23.21 -1.25 8.86
N ALA A 48 -23.44 -2.16 7.90
CA ALA A 48 -24.68 -2.12 7.15
C ALA A 48 -25.88 -2.30 8.09
N ILE A 49 -26.85 -1.40 7.97
CA ILE A 49 -28.04 -1.40 8.83
C ILE A 49 -29.20 -1.99 8.05
N ASN A 50 -29.79 -3.06 8.59
CA ASN A 50 -30.89 -3.77 7.92
C ASN A 50 -30.50 -4.18 6.50
N ASN A 51 -29.26 -4.62 6.34
CA ASN A 51 -28.71 -5.04 5.05
C ASN A 51 -28.83 -3.90 4.04
N THR A 52 -28.05 -2.85 4.29
CA THR A 52 -27.98 -1.71 3.38
C THR A 52 -26.60 -1.12 3.42
N CYS A 53 -25.96 -1.02 2.26
CA CYS A 53 -24.62 -0.48 2.11
C CYS A 53 -24.70 0.90 1.47
N ILE A 54 -23.97 1.86 2.04
CA ILE A 54 -23.91 3.21 1.50
C ILE A 54 -22.64 3.29 0.64
N THR A 55 -22.84 3.36 -0.67
CA THR A 55 -21.75 3.22 -1.64
C THR A 55 -21.76 4.43 -2.59
N ASN A 56 -20.79 4.44 -3.50
CA ASN A 56 -20.72 5.50 -4.50
C ASN A 56 -20.65 4.97 -5.93
N GLY A 57 -20.40 3.69 -6.12
CA GLY A 57 -20.33 3.12 -7.46
C GLY A 57 -21.65 2.56 -7.94
N HIS A 58 -21.78 1.23 -7.93
CA HIS A 58 -22.94 0.56 -8.49
C HIS A 58 -23.44 -0.49 -7.51
N CYS A 59 -24.52 -1.16 -7.92
CA CYS A 59 -25.14 -2.24 -7.16
C CYS A 59 -25.03 -3.48 -8.02
N PHE A 60 -24.62 -4.59 -7.43
CA PHE A 60 -24.30 -5.77 -8.21
C PHE A 60 -24.95 -6.99 -7.61
N ALA A 61 -25.21 -7.97 -8.46
CA ALA A 61 -25.86 -9.21 -8.06
C ALA A 61 -25.22 -10.35 -8.84
N ILE A 62 -24.47 -11.20 -8.14
CA ILE A 62 -23.70 -12.28 -8.75
C ILE A 62 -24.34 -13.61 -8.34
N ILE A 63 -24.59 -14.46 -9.36
CA ILE A 63 -25.24 -15.75 -9.17
C ILE A 63 -24.26 -16.92 -9.35
N GLU A 64 -22.99 -16.73 -9.00
CA GLU A 64 -22.05 -17.82 -9.20
C GLU A 64 -22.44 -19.01 -8.34
N GLU A 65 -22.40 -20.17 -8.93
CA GLU A 65 -22.56 -21.44 -8.23
C GLU A 65 -21.17 -22.05 -8.13
N ASP A 66 -20.71 -22.33 -6.91
CA ASP A 66 -19.40 -22.96 -6.86
C ASP A 66 -19.48 -24.37 -7.45
N ASP A 67 -18.30 -24.93 -7.70
CA ASP A 67 -18.16 -26.22 -8.38
C ASP A 67 -19.25 -27.24 -8.03
N GLN A 68 -19.48 -27.45 -6.74
CA GLN A 68 -20.45 -28.41 -6.25
C GLN A 68 -21.86 -27.93 -6.63
N GLY A 69 -22.73 -28.87 -6.99
CA GLY A 69 -24.03 -28.52 -7.55
C GLY A 69 -24.80 -27.46 -6.76
N GLU A 70 -24.59 -27.38 -5.45
CA GLU A 70 -25.19 -26.31 -4.65
C GLU A 70 -24.89 -24.95 -5.28
N THR A 71 -25.92 -24.13 -5.43
CA THR A 71 -25.80 -22.83 -6.06
C THR A 71 -25.80 -21.73 -4.99
N THR A 72 -25.15 -20.61 -5.31
CA THR A 72 -25.01 -19.51 -4.36
C THR A 72 -25.68 -18.24 -4.89
N LEU A 73 -25.76 -17.21 -4.04
CA LEU A 73 -26.34 -15.94 -4.48
C LEU A 73 -25.59 -14.83 -3.76
N ALA A 74 -25.53 -13.64 -4.36
CA ALA A 74 -24.88 -12.54 -3.67
C ALA A 74 -25.31 -11.22 -4.28
N SER A 75 -25.49 -10.23 -3.41
CA SER A 75 -25.95 -8.90 -3.82
C SER A 75 -25.27 -7.85 -2.95
N GLY A 76 -24.55 -6.93 -3.57
CA GLY A 76 -23.79 -5.98 -2.79
C GLY A 76 -23.42 -4.71 -3.53
N CYS A 77 -22.47 -3.97 -2.96
CA CYS A 77 -22.12 -2.63 -3.39
C CYS A 77 -20.70 -2.57 -3.94
N MET A 78 -20.51 -1.86 -5.06
CA MET A 78 -19.20 -1.82 -5.71
C MET A 78 -18.50 -0.54 -5.28
N LYS A 79 -17.23 -0.37 -5.65
CA LYS A 79 -16.50 0.82 -5.23
C LYS A 79 -16.27 1.77 -6.41
N TYR A 80 -16.87 1.44 -7.55
CA TYR A 80 -16.83 2.23 -8.79
C TYR A 80 -15.48 2.17 -9.48
N GLU A 81 -14.39 2.26 -8.72
CA GLU A 81 -13.08 2.18 -9.33
C GLU A 81 -12.89 0.75 -9.83
N GLY A 82 -12.65 0.61 -11.13
CA GLY A 82 -12.48 -0.70 -11.70
C GLY A 82 -13.76 -1.42 -12.02
N SER A 83 -14.92 -0.83 -11.75
CA SER A 83 -16.19 -1.48 -12.09
C SER A 83 -16.34 -1.70 -13.58
N ASP A 84 -15.67 -0.90 -14.41
CA ASP A 84 -15.78 -1.10 -15.85
C ASP A 84 -15.38 -2.52 -16.24
N PHE A 85 -14.37 -3.05 -15.56
CA PHE A 85 -13.93 -4.42 -15.75
C PHE A 85 -14.85 -5.42 -15.06
N GLN A 86 -15.47 -5.04 -13.94
CA GLN A 86 -16.20 -6.01 -13.14
C GLN A 86 -17.69 -5.98 -13.44
N CYS A 87 -18.08 -5.31 -14.52
CA CYS A 87 -19.49 -5.15 -14.83
C CYS A 87 -19.89 -5.66 -16.21
N LYS A 88 -18.94 -6.14 -17.00
CA LYS A 88 -19.19 -6.93 -18.20
C LYS A 88 -19.45 -8.38 -17.81
N ASP A 89 -19.95 -9.15 -18.75
CA ASP A 89 -20.18 -10.57 -18.50
C ASP A 89 -18.84 -11.30 -18.47
N SER A 90 -18.84 -12.47 -17.84
CA SER A 90 -17.62 -13.23 -17.61
C SER A 90 -16.97 -13.59 -18.94
N PRO A 91 -15.77 -13.09 -19.22
CA PRO A 91 -15.24 -13.22 -20.58
C PRO A 91 -14.89 -14.67 -20.94
N LYS A 92 -13.99 -15.27 -20.15
CA LYS A 92 -13.64 -16.68 -20.32
C LYS A 92 -13.12 -17.19 -18.97
N ALA A 93 -14.05 -17.66 -18.14
CA ALA A 93 -13.71 -18.08 -16.79
C ALA A 93 -14.07 -19.55 -16.62
N GLN A 94 -13.42 -20.20 -15.65
CA GLN A 94 -13.65 -21.63 -15.46
C GLN A 94 -15.09 -21.90 -15.05
N LEU A 95 -15.58 -21.22 -14.02
CA LEU A 95 -16.99 -21.38 -13.68
C LEU A 95 -17.81 -20.38 -14.49
N ARG A 96 -19.12 -20.37 -14.26
CA ARG A 96 -20.03 -19.48 -14.96
C ARG A 96 -20.61 -18.48 -13.98
N ARG A 97 -20.60 -17.19 -14.34
CA ARG A 97 -21.08 -16.13 -13.48
C ARG A 97 -21.75 -15.06 -14.32
N THR A 98 -22.72 -14.37 -13.71
CA THR A 98 -23.44 -13.27 -14.34
C THR A 98 -23.62 -12.15 -13.33
N ILE A 99 -23.16 -10.96 -13.65
CA ILE A 99 -23.17 -9.83 -12.72
C ILE A 99 -23.88 -8.65 -13.37
N GLU A 100 -25.02 -8.27 -12.82
CA GLU A 100 -25.82 -7.15 -13.30
C GLU A 100 -25.48 -5.91 -12.47
N CYS A 101 -25.03 -4.86 -13.14
CA CYS A 101 -24.61 -3.63 -12.47
C CYS A 101 -25.64 -2.53 -12.71
N CYS A 102 -26.58 -2.41 -11.77
CA CYS A 102 -27.60 -1.38 -11.83
C CYS A 102 -27.30 -0.28 -10.82
N ARG A 103 -27.59 0.97 -11.18
CA ARG A 103 -27.31 2.12 -10.34
C ARG A 103 -28.57 2.65 -9.64
N THR A 104 -29.60 1.83 -9.50
CA THR A 104 -30.83 2.23 -8.82
C THR A 104 -30.85 1.68 -7.41
N ASN A 105 -31.41 2.46 -6.49
CA ASN A 105 -31.36 2.10 -5.07
C ASN A 105 -32.12 0.79 -4.84
N LEU A 106 -31.41 -0.19 -4.27
CA LEU A 106 -31.98 -1.51 -3.99
C LEU A 106 -32.55 -2.16 -5.26
N CYS A 107 -31.81 -2.03 -6.36
CA CYS A 107 -32.17 -2.73 -7.59
C CYS A 107 -31.81 -4.21 -7.52
N ASN A 108 -30.65 -4.52 -6.95
CA ASN A 108 -30.21 -5.88 -6.63
C ASN A 108 -31.12 -6.59 -5.65
N GLN A 109 -32.11 -5.90 -5.08
CA GLN A 109 -33.06 -6.52 -4.16
C GLN A 109 -33.85 -7.63 -4.86
N TYR A 110 -34.70 -7.23 -5.80
CA TYR A 110 -35.59 -8.12 -6.55
C TYR A 110 -34.95 -8.59 -7.85
N LEU A 111 -33.81 -9.26 -7.71
CA LEU A 111 -33.05 -9.70 -8.87
C LEU A 111 -32.68 -11.16 -8.69
N GLN A 112 -33.05 -11.98 -9.68
CA GLN A 112 -32.78 -13.42 -9.68
C GLN A 112 -32.21 -13.79 -11.03
N PRO A 113 -30.89 -13.75 -11.20
CA PRO A 113 -30.29 -14.10 -12.48
C PRO A 113 -30.25 -15.61 -12.69
N THR A 114 -30.03 -16.00 -13.95
CA THR A 114 -29.92 -17.40 -14.31
C THR A 114 -28.83 -17.58 -15.36
N LEU A 115 -27.85 -18.39 -15.04
CA LEU A 115 -26.68 -18.55 -15.90
C LEU A 115 -27.09 -19.13 -17.25
N PRO A 116 -26.66 -18.55 -18.36
CA PRO A 116 -27.03 -19.08 -19.66
C PRO A 116 -26.06 -20.16 -20.11
N PRO A 117 -26.58 -21.25 -20.70
CA PRO A 117 -25.74 -22.37 -21.16
C PRO A 117 -24.84 -21.98 -22.33
N THR B 26 15.41 19.59 9.07
CA THR B 26 15.47 19.88 7.65
C THR B 26 14.92 18.70 6.86
N LEU B 27 15.40 17.50 7.18
CA LEU B 27 14.88 16.28 6.58
C LEU B 27 14.95 15.17 7.62
N ALA B 28 13.95 14.29 7.60
CA ALA B 28 13.80 13.30 8.66
C ALA B 28 14.81 12.17 8.50
N PRO B 29 15.30 11.63 9.62
CA PRO B 29 16.31 10.56 9.53
C PRO B 29 15.77 9.25 9.00
N GLU B 30 14.44 9.08 8.97
CA GLU B 30 13.85 7.89 8.38
C GLU B 30 13.71 7.98 6.87
N ASP B 31 13.83 9.18 6.29
CA ASP B 31 13.84 9.32 4.85
C ASP B 31 15.16 9.95 4.41
N THR B 32 16.27 9.43 4.94
CA THR B 32 17.57 10.06 4.77
C THR B 32 18.19 9.66 3.45
N LEU B 33 18.94 10.60 2.86
CA LEU B 33 19.55 10.37 1.57
C LEU B 33 20.51 9.17 1.61
N PRO B 34 20.42 8.26 0.66
CA PRO B 34 21.34 7.10 0.62
C PRO B 34 22.78 7.51 0.43
N PHE B 35 23.60 7.15 1.41
CA PHE B 35 25.04 7.40 1.31
C PHE B 35 25.88 6.19 1.73
N LEU B 36 25.47 5.46 2.76
CA LEU B 36 26.25 4.36 3.29
C LEU B 36 26.44 3.26 2.23
N LYS B 37 27.53 2.52 2.36
CA LYS B 37 27.89 1.46 1.42
C LYS B 37 27.99 0.13 2.16
N CYS B 38 27.16 -0.82 1.76
CA CYS B 38 27.08 -2.13 2.39
C CYS B 38 27.53 -3.22 1.43
N TYR B 39 27.94 -4.36 1.99
CA TYR B 39 28.46 -5.46 1.20
C TYR B 39 27.42 -6.57 1.11
N CYS B 40 27.67 -7.53 0.23
CA CYS B 40 26.59 -8.26 -0.44
C CYS B 40 27.06 -9.69 -0.64
N SER B 41 26.47 -10.63 0.06
CA SER B 41 26.76 -12.05 -0.09
C SER B 41 25.50 -12.87 -0.25
N GLY B 42 24.46 -12.54 0.50
CA GLY B 42 23.16 -13.16 0.44
C GLY B 42 22.18 -12.28 -0.30
N HIS B 43 21.42 -11.51 0.46
CA HIS B 43 20.51 -10.50 -0.08
C HIS B 43 21.28 -9.53 -0.99
N CYS B 44 21.03 -9.62 -2.31
CA CYS B 44 21.90 -8.94 -3.26
C CYS B 44 21.10 -8.38 -4.43
N PRO B 45 20.98 -7.06 -4.52
CA PRO B 45 19.97 -6.46 -5.39
C PRO B 45 20.32 -6.56 -6.87
N ASP B 46 19.39 -6.13 -7.71
CA ASP B 46 19.55 -6.26 -9.15
C ASP B 46 20.66 -5.39 -9.71
N ASP B 47 21.03 -4.31 -9.01
CA ASP B 47 21.99 -3.34 -9.53
C ASP B 47 23.19 -3.11 -8.62
N ALA B 48 23.40 -3.94 -7.59
CA ALA B 48 24.65 -3.87 -6.84
C ALA B 48 25.84 -4.17 -7.75
N ILE B 49 26.84 -3.30 -7.72
CA ILE B 49 28.02 -3.41 -8.56
C ILE B 49 29.16 -3.97 -7.73
N ASN B 50 29.72 -5.10 -8.17
CA ASN B 50 30.79 -5.80 -7.43
C ASN B 50 30.38 -6.06 -5.98
N ASN B 51 29.12 -6.43 -5.78
CA ASN B 51 28.57 -6.72 -4.47
C ASN B 51 28.73 -5.49 -3.55
N THR B 52 27.98 -4.45 -3.91
CA THR B 52 27.96 -3.22 -3.10
C THR B 52 26.58 -2.59 -3.21
N CYS B 53 25.95 -2.37 -2.06
CA CYS B 53 24.62 -1.77 -1.97
C CYS B 53 24.76 -0.34 -1.46
N ILE B 54 24.06 0.58 -2.11
CA ILE B 54 24.04 1.98 -1.70
C ILE B 54 22.79 2.18 -0.86
N THR B 55 22.96 2.37 0.44
CA THR B 55 21.89 2.36 1.41
C THR B 55 21.93 3.63 2.24
N ASN B 56 20.96 3.76 3.16
CA ASN B 56 20.93 4.91 4.05
C ASN B 56 20.83 4.54 5.51
N GLY B 57 20.54 3.27 5.83
CA GLY B 57 20.45 2.83 7.21
C GLY B 57 21.75 2.28 7.76
N HIS B 58 21.83 0.95 7.86
CA HIS B 58 22.97 0.30 8.49
C HIS B 58 23.44 -0.86 7.60
N CYS B 59 24.50 -1.52 8.07
CA CYS B 59 25.08 -2.68 7.43
C CYS B 59 24.94 -3.84 8.40
N PHE B 60 24.49 -4.98 7.90
CA PHE B 60 24.12 -6.07 8.79
C PHE B 60 24.73 -7.37 8.30
N ALA B 61 24.96 -8.28 9.24
CA ALA B 61 25.57 -9.57 8.96
C ALA B 61 24.89 -10.60 9.85
N ILE B 62 24.12 -11.49 9.22
CA ILE B 62 23.32 -12.49 9.92
C ILE B 62 23.90 -13.87 9.65
N ILE B 63 24.13 -14.63 10.73
CA ILE B 63 24.73 -15.95 10.67
C ILE B 63 23.72 -17.06 10.95
N GLU B 64 22.45 -16.87 10.57
CA GLU B 64 21.48 -17.91 10.89
C GLU B 64 21.83 -19.18 10.12
N GLU B 65 21.75 -20.29 10.82
CA GLU B 65 21.87 -21.62 10.24
C GLU B 65 20.45 -22.18 10.20
N ASP B 66 19.98 -22.55 9.01
CA ASP B 66 18.65 -23.14 9.01
C ASP B 66 18.69 -24.49 9.73
N ASP B 67 17.49 -25.00 10.02
CA ASP B 67 17.31 -26.21 10.81
C ASP B 67 18.36 -27.29 10.56
N GLN B 68 18.59 -27.62 9.30
CA GLN B 68 19.54 -28.66 8.91
C GLN B 68 20.95 -28.19 9.24
N GLY B 69 21.78 -29.12 9.69
CA GLY B 69 23.10 -28.76 10.22
C GLY B 69 23.90 -27.81 9.34
N GLU B 70 23.70 -27.85 8.02
CA GLU B 70 24.34 -26.87 7.14
C GLU B 70 24.07 -25.46 7.64
N THR B 71 25.14 -24.65 7.71
CA THR B 71 25.05 -23.29 8.22
C THR B 71 25.09 -22.30 7.06
N THR B 72 24.48 -21.14 7.26
CA THR B 72 24.37 -20.13 6.22
C THR B 72 25.09 -18.84 6.63
N LEU B 73 25.20 -17.89 5.69
CA LEU B 73 25.82 -16.61 6.02
C LEU B 73 25.12 -15.55 5.19
N ALA B 74 25.11 -14.31 5.69
CA ALA B 74 24.48 -13.26 4.90
C ALA B 74 24.95 -11.89 5.38
N SER B 75 25.18 -10.99 4.43
CA SER B 75 25.68 -9.64 4.71
C SER B 75 25.03 -8.66 3.75
N GLY B 76 24.34 -7.66 4.27
CA GLY B 76 23.60 -6.76 3.41
C GLY B 76 23.28 -5.43 4.04
N CYS B 77 22.36 -4.72 3.39
CA CYS B 77 22.05 -3.32 3.70
C CYS B 77 20.64 -3.16 4.23
N MET B 78 20.47 -2.35 5.27
CA MET B 78 19.17 -2.20 5.92
C MET B 78 18.50 -0.95 5.37
N LYS B 79 17.24 -0.71 5.72
CA LYS B 79 16.55 0.47 5.19
C LYS B 79 16.36 1.53 6.27
N TYR B 80 16.95 1.29 7.44
CA TYR B 80 16.93 2.18 8.60
C TYR B 80 15.57 2.23 9.28
N GLU B 81 14.49 2.29 8.51
CA GLU B 81 13.17 2.30 9.14
C GLU B 81 12.93 0.94 9.77
N GLY B 82 12.70 0.93 11.07
CA GLY B 82 12.47 -0.31 11.75
C GLY B 82 13.73 -1.05 12.15
N SER B 83 14.91 -0.52 11.81
CA SER B 83 16.15 -1.18 12.22
C SER B 83 16.30 -1.28 13.73
N ASP B 84 15.66 -0.38 14.49
CA ASP B 84 15.76 -0.45 15.94
C ASP B 84 15.31 -1.80 16.46
N PHE B 85 14.28 -2.36 15.83
CA PHE B 85 13.80 -3.70 16.13
C PHE B 85 14.69 -4.79 15.54
N GLN B 86 15.32 -4.54 14.40
CA GLN B 86 16.01 -5.59 13.69
C GLN B 86 17.51 -5.58 13.99
N CYS B 87 17.93 -4.84 15.01
CA CYS B 87 19.34 -4.68 15.31
C CYS B 87 19.71 -5.08 16.74
N LYS B 88 18.75 -5.46 17.56
CA LYS B 88 18.97 -6.14 18.82
C LYS B 88 19.18 -7.64 18.56
N ASP B 89 19.67 -8.33 19.59
CA ASP B 89 19.84 -9.76 19.47
C ASP B 89 18.47 -10.46 19.49
N SER B 90 18.44 -11.68 18.97
CA SER B 90 17.19 -12.41 18.80
C SER B 90 16.53 -12.63 20.16
N PRO B 91 15.35 -12.06 20.40
CA PRO B 91 14.80 -12.07 21.77
C PRO B 91 14.41 -13.45 22.24
N LYS B 92 13.50 -14.09 21.52
CA LYS B 92 13.09 -15.47 21.81
C LYS B 92 12.56 -16.09 20.52
N ALA B 93 13.48 -16.66 19.73
CA ALA B 93 13.13 -17.20 18.43
C ALA B 93 13.44 -18.69 18.39
N GLN B 94 12.77 -19.40 17.49
CA GLN B 94 12.95 -20.85 17.42
C GLN B 94 14.38 -21.19 17.05
N LEU B 95 14.90 -20.63 15.96
CA LEU B 95 16.29 -20.86 15.64
C LEU B 95 17.15 -19.83 16.36
N ARG B 96 18.46 -19.88 16.13
CA ARG B 96 19.39 -18.96 16.76
C ARG B 96 20.01 -18.08 15.68
N ARG B 97 20.04 -16.76 15.93
CA ARG B 97 20.56 -15.79 14.98
C ARG B 97 21.27 -14.68 15.72
N THR B 98 22.26 -14.09 15.05
CA THR B 98 23.02 -12.95 15.59
C THR B 98 23.22 -11.94 14.47
N ILE B 99 22.80 -10.70 14.68
CA ILE B 99 22.85 -9.66 13.65
C ILE B 99 23.60 -8.45 14.19
N GLU B 100 24.77 -8.16 13.61
CA GLU B 100 25.59 -7.03 13.99
C GLU B 100 25.30 -5.86 13.06
N CYS B 101 24.89 -4.74 13.61
CA CYS B 101 24.50 -3.56 12.84
C CYS B 101 25.57 -2.49 12.98
N CYS B 102 26.53 -2.48 12.04
CA CYS B 102 27.58 -1.48 12.01
C CYS B 102 27.30 -0.47 10.90
N ARG B 103 27.63 0.80 11.15
CA ARG B 103 27.40 1.87 10.20
C ARG B 103 28.66 2.29 9.45
N THR B 104 29.67 1.43 9.40
CA THR B 104 30.91 1.73 8.70
C THR B 104 30.92 1.05 7.33
N ASN B 105 31.51 1.72 6.34
CA ASN B 105 31.45 1.24 4.97
C ASN B 105 32.16 -0.10 4.86
N LEU B 106 31.43 -1.12 4.38
CA LEU B 106 31.94 -2.48 4.22
C LEU B 106 32.49 -3.02 5.55
N CYS B 107 31.76 -2.77 6.63
CA CYS B 107 32.10 -3.37 7.92
C CYS B 107 31.69 -4.84 7.98
N ASN B 108 30.51 -5.16 7.45
CA ASN B 108 30.03 -6.53 7.25
C ASN B 108 30.92 -7.35 6.34
N GLN B 109 31.93 -6.75 5.71
CA GLN B 109 32.86 -7.49 4.86
C GLN B 109 33.61 -8.56 5.66
N TYR B 110 34.47 -8.10 6.56
CA TYR B 110 35.33 -8.93 7.38
C TYR B 110 34.68 -9.26 8.73
N LEU B 111 33.52 -9.91 8.66
CA LEU B 111 32.73 -10.22 9.84
C LEU B 111 32.32 -11.67 9.80
N GLN B 112 32.66 -12.42 10.85
CA GLN B 112 32.34 -13.84 10.99
C GLN B 112 31.76 -14.07 12.37
N PRO B 113 30.45 -13.96 12.53
CA PRO B 113 29.83 -14.17 13.83
C PRO B 113 29.74 -15.65 14.18
N THR B 114 29.51 -15.91 15.47
CA THR B 114 29.35 -17.28 15.95
C THR B 114 28.26 -17.31 17.01
N LEU B 115 27.24 -18.12 16.76
CA LEU B 115 26.07 -18.17 17.63
C LEU B 115 26.46 -18.63 19.03
N PRO B 116 26.04 -17.94 20.08
CA PRO B 116 26.40 -18.35 21.43
C PRO B 116 25.40 -19.36 21.97
N PRO B 117 25.87 -20.41 22.66
CA PRO B 117 25.00 -21.45 23.23
C PRO B 117 24.11 -20.92 24.35
N THR C 1 -14.32 -16.18 5.17
CA THR C 1 -13.01 -15.58 4.93
C THR C 1 -13.10 -14.41 3.97
N ALA C 2 -12.61 -13.25 4.40
CA ALA C 2 -12.58 -12.07 3.55
C ALA C 2 -11.54 -11.11 4.09
N CYS C 3 -11.17 -10.14 3.26
CA CYS C 3 -10.24 -9.09 3.68
C CYS C 3 -10.80 -8.36 4.89
N ARG C 4 -10.16 -8.53 6.05
CA ARG C 4 -10.68 -8.00 7.30
C ARG C 4 -9.52 -7.68 8.23
N LYS C 5 -9.55 -6.50 8.83
CA LYS C 5 -8.52 -6.09 9.78
C LYS C 5 -8.75 -6.83 11.09
N HIS C 6 -7.92 -7.83 11.36
CA HIS C 6 -8.03 -8.57 12.61
C HIS C 6 -7.38 -7.78 13.75
N GLU C 7 -7.57 -8.27 14.97
CA GLU C 7 -7.05 -7.62 16.16
C GLU C 7 -5.88 -8.40 16.71
N LEU C 8 -4.81 -7.70 17.07
CA LEU C 8 -3.60 -8.32 17.62
C LEU C 8 -2.91 -7.34 18.54
N TYR C 9 -2.69 -7.74 19.78
CA TYR C 9 -1.98 -6.93 20.77
C TYR C 9 -0.61 -7.56 20.99
N VAL C 10 0.44 -6.86 20.58
CA VAL C 10 1.80 -7.34 20.73
C VAL C 10 2.46 -6.63 21.90
N SER C 11 3.03 -7.39 22.82
CA SER C 11 3.64 -6.85 24.03
C SER C 11 5.15 -6.90 23.90
N PHE C 12 5.80 -5.77 24.15
CA PHE C 12 7.26 -5.71 24.11
C PHE C 12 7.91 -6.54 25.20
N GLN C 13 7.16 -6.96 26.22
CA GLN C 13 7.74 -7.79 27.27
C GLN C 13 8.17 -9.15 26.73
N ASP C 14 7.36 -9.76 25.87
CA ASP C 14 7.70 -11.03 25.26
C ASP C 14 8.49 -10.87 23.96
N LEU C 15 8.73 -9.64 23.52
CA LEU C 15 9.54 -9.39 22.34
C LEU C 15 10.98 -9.02 22.68
N GLY C 16 11.40 -9.23 23.93
CA GLY C 16 12.77 -8.99 24.32
C GLY C 16 13.18 -7.55 24.42
N TRP C 17 12.25 -6.61 24.26
CA TRP C 17 12.56 -5.19 24.29
C TRP C 17 12.22 -4.53 25.62
N GLN C 18 11.91 -5.32 26.65
CA GLN C 18 11.53 -4.76 27.94
C GLN C 18 12.66 -4.03 28.62
N ASP C 19 13.90 -4.23 28.17
CA ASP C 19 15.05 -3.57 28.78
C ASP C 19 15.27 -2.15 28.26
N TRP C 20 14.78 -1.84 27.05
CA TRP C 20 15.02 -0.53 26.47
C TRP C 20 13.72 0.16 26.02
N ILE C 21 12.58 -0.29 26.53
CA ILE C 21 11.29 0.35 26.24
C ILE C 21 10.65 0.69 27.58
N ILE C 22 10.61 1.98 27.91
CA ILE C 22 9.98 2.42 29.15
C ILE C 22 8.46 2.33 29.04
N ALA C 23 7.90 2.87 27.97
CA ALA C 23 6.46 2.83 27.74
C ALA C 23 6.21 3.19 26.28
N PRO C 24 5.17 2.62 25.65
CA PRO C 24 4.20 1.68 26.20
C PRO C 24 4.78 0.28 26.33
N LYS C 25 4.24 -0.54 27.25
CA LYS C 25 4.70 -1.91 27.42
C LYS C 25 3.95 -2.89 26.53
N GLY C 26 3.45 -2.43 25.39
CA GLY C 26 2.68 -3.25 24.48
C GLY C 26 1.55 -2.45 23.85
N TYR C 27 1.43 -2.51 22.53
CA TYR C 27 0.44 -1.74 21.81
C TYR C 27 -0.36 -2.67 20.90
N ALA C 28 -1.47 -2.15 20.40
CA ALA C 28 -2.38 -2.91 19.54
C ALA C 28 -1.93 -2.72 18.09
N ALA C 29 -1.17 -3.69 17.58
CA ALA C 29 -0.74 -3.69 16.19
C ALA C 29 -1.63 -4.66 15.42
N ASN C 30 -2.78 -4.16 14.98
CA ASN C 30 -3.74 -5.00 14.28
C ASN C 30 -3.13 -5.54 12.99
N TYR C 31 -3.18 -6.85 12.81
CA TYR C 31 -2.66 -7.45 11.59
C TYR C 31 -3.78 -7.67 10.59
N CYS C 32 -3.43 -7.65 9.32
CA CYS C 32 -4.39 -7.73 8.22
C CYS C 32 -4.35 -9.12 7.60
N ASP C 33 -5.51 -9.75 7.48
CA ASP C 33 -5.59 -11.10 6.94
C ASP C 33 -6.93 -11.30 6.26
N GLY C 34 -7.01 -12.33 5.44
CA GLY C 34 -8.19 -12.67 4.70
C GLY C 34 -7.82 -13.07 3.29
N GLU C 35 -8.83 -13.14 2.43
CA GLU C 35 -8.63 -13.51 1.03
C GLU C 35 -9.36 -12.51 0.14
N CYS C 36 -8.81 -12.28 -1.04
CA CYS C 36 -9.38 -11.37 -2.03
C CYS C 36 -9.83 -12.18 -3.23
N SER C 37 -11.13 -12.17 -3.50
CA SER C 37 -11.72 -12.93 -4.59
C SER C 37 -12.70 -12.06 -5.35
N PHE C 38 -12.93 -12.42 -6.60
CA PHE C 38 -13.86 -11.67 -7.44
C PHE C 38 -15.28 -11.89 -6.92
N PRO C 39 -16.08 -10.82 -6.75
CA PRO C 39 -15.77 -9.41 -6.98
C PRO C 39 -15.21 -8.70 -5.77
N LEU C 40 -14.59 -7.55 -5.99
CA LEU C 40 -14.01 -6.75 -4.92
C LEU C 40 -15.00 -5.63 -4.60
N ASN C 41 -15.57 -5.68 -3.40
CA ASN C 41 -16.73 -4.86 -3.05
C ASN C 41 -16.28 -3.45 -2.66
N ALA C 42 -17.22 -2.67 -2.13
CA ALA C 42 -16.90 -1.31 -1.69
C ALA C 42 -16.02 -1.33 -0.45
N HIS C 43 -16.35 -2.17 0.53
CA HIS C 43 -15.58 -2.22 1.75
C HIS C 43 -14.21 -2.86 1.55
N MET C 44 -14.10 -3.84 0.65
CA MET C 44 -12.81 -4.41 0.29
C MET C 44 -12.12 -3.42 -0.66
N ASN C 45 -11.49 -2.42 -0.06
CA ASN C 45 -10.88 -1.33 -0.82
C ASN C 45 -9.85 -1.88 -1.80
N ALA C 46 -10.08 -1.65 -3.09
CA ALA C 46 -9.25 -2.23 -4.13
C ALA C 46 -8.86 -1.16 -5.15
N THR C 47 -7.77 -1.43 -5.85
CA THR C 47 -7.28 -0.57 -6.92
C THR C 47 -7.64 -1.17 -8.27
N ASN C 48 -7.39 -0.39 -9.32
CA ASN C 48 -7.63 -0.87 -10.68
C ASN C 48 -6.71 -2.05 -11.00
N HIS C 49 -5.46 -1.98 -10.57
CA HIS C 49 -4.51 -3.06 -10.85
C HIS C 49 -4.87 -4.32 -10.09
N ALA C 50 -5.38 -4.18 -8.86
CA ALA C 50 -5.84 -5.36 -8.12
C ALA C 50 -6.98 -6.05 -8.85
N ILE C 51 -7.91 -5.26 -9.39
CA ILE C 51 -9.03 -5.84 -10.13
C ILE C 51 -8.52 -6.52 -11.40
N VAL C 52 -7.58 -5.89 -12.10
CA VAL C 52 -7.04 -6.50 -13.32
C VAL C 52 -6.32 -7.81 -12.99
N GLN C 53 -5.55 -7.82 -11.91
CA GLN C 53 -4.83 -9.04 -11.52
C GLN C 53 -5.79 -10.14 -11.11
N THR C 54 -6.83 -9.81 -10.34
CA THR C 54 -7.78 -10.83 -9.93
C THR C 54 -8.68 -11.26 -11.09
N LEU C 55 -8.74 -10.48 -12.17
CA LEU C 55 -9.43 -10.94 -13.37
C LEU C 55 -8.54 -11.85 -14.21
N VAL C 56 -7.24 -11.54 -14.28
CA VAL C 56 -6.33 -12.44 -14.97
C VAL C 56 -6.23 -13.77 -14.22
N HIS C 57 -6.31 -13.73 -12.89
CA HIS C 57 -6.27 -14.97 -12.11
C HIS C 57 -7.44 -15.88 -12.46
N LEU C 58 -8.56 -15.32 -12.94
CA LEU C 58 -9.71 -16.14 -13.31
C LEU C 58 -9.35 -17.10 -14.43
N MET C 59 -8.76 -16.59 -15.52
CA MET C 59 -8.44 -17.42 -16.66
C MET C 59 -7.23 -18.31 -16.40
N ASN C 60 -6.19 -17.76 -15.76
CA ASN C 60 -4.96 -18.48 -15.44
C ASN C 60 -4.79 -18.51 -13.93
N PRO C 61 -5.39 -19.48 -13.23
CA PRO C 61 -5.21 -19.56 -11.78
C PRO C 61 -3.82 -19.97 -11.35
N GLU C 62 -2.97 -20.41 -12.27
CA GLU C 62 -1.62 -20.84 -11.94
C GLU C 62 -0.55 -19.82 -12.27
N TYR C 63 -0.72 -19.06 -13.36
CA TYR C 63 0.33 -18.13 -13.78
C TYR C 63 0.40 -16.92 -12.85
N VAL C 64 -0.74 -16.31 -12.54
CA VAL C 64 -0.80 -15.09 -11.76
C VAL C 64 -1.56 -15.38 -10.48
N PRO C 65 -1.05 -15.04 -9.31
CA PRO C 65 -1.78 -15.26 -8.06
C PRO C 65 -2.75 -14.13 -7.75
N LYS C 66 -3.63 -14.39 -6.79
CA LYS C 66 -4.63 -13.42 -6.40
C LYS C 66 -3.99 -12.23 -5.69
N PRO C 67 -4.65 -11.08 -5.70
CA PRO C 67 -4.17 -9.94 -4.90
C PRO C 67 -4.18 -10.29 -3.42
N CYS C 68 -3.53 -9.45 -2.63
CA CYS C 68 -3.24 -9.75 -1.24
C CYS C 68 -3.96 -8.77 -0.32
N CYS C 69 -4.51 -9.28 0.78
CA CYS C 69 -5.14 -8.44 1.79
C CYS C 69 -4.05 -7.75 2.59
N ALA C 70 -3.81 -6.48 2.31
CA ALA C 70 -2.72 -5.70 2.88
C ALA C 70 -3.26 -4.40 3.44
N PRO C 71 -2.56 -3.80 4.41
CA PRO C 71 -3.04 -2.55 5.00
C PRO C 71 -3.01 -1.40 4.00
N THR C 72 -3.96 -0.48 4.18
CA THR C 72 -4.04 0.73 3.38
C THR C 72 -3.85 2.01 4.18
N LYS C 73 -4.14 1.99 5.47
CA LYS C 73 -3.97 3.16 6.34
C LYS C 73 -3.24 2.74 7.60
N LEU C 74 -2.28 3.56 8.02
CA LEU C 74 -1.46 3.26 9.19
C LEU C 74 -1.32 4.52 10.04
N ASN C 75 -1.10 4.31 11.34
CA ASN C 75 -0.94 5.41 12.29
C ASN C 75 0.37 5.23 13.06
N ALA C 76 0.91 6.35 13.52
CA ALA C 76 2.13 6.36 14.31
C ALA C 76 1.80 6.18 15.79
N ILE C 77 2.79 5.70 16.55
CA ILE C 77 2.66 5.56 17.99
C ILE C 77 3.87 6.16 18.66
N SER C 78 3.68 6.75 19.83
CA SER C 78 4.76 7.36 20.57
C SER C 78 5.43 6.34 21.46
N VAL C 79 6.76 6.28 21.41
CA VAL C 79 7.54 5.31 22.16
C VAL C 79 8.63 6.06 22.93
N LEU C 80 8.72 5.79 24.22
CA LEU C 80 9.75 6.39 25.08
C LEU C 80 10.75 5.29 25.42
N TYR C 81 11.88 5.28 24.71
CA TYR C 81 12.83 4.19 24.80
C TYR C 81 14.18 4.68 25.31
N PHE C 82 14.97 3.74 25.82
CA PHE C 82 16.34 4.03 26.23
C PHE C 82 17.27 4.09 25.03
N ASP C 83 18.38 4.78 25.21
CA ASP C 83 19.41 4.91 24.20
C ASP C 83 20.56 3.96 24.53
N ASP C 84 21.65 4.06 23.77
CA ASP C 84 22.83 3.26 24.05
C ASP C 84 23.60 3.74 25.27
N ASN C 85 23.41 5.01 25.66
CA ASN C 85 24.05 5.57 26.85
C ASN C 85 23.03 5.83 27.96
N SER C 86 22.03 4.96 28.07
CA SER C 86 20.99 5.05 29.09
C SER C 86 20.33 6.43 29.09
N ASN C 87 20.04 6.94 27.89
CA ASN C 87 19.39 8.23 27.73
C ASN C 87 17.95 8.02 27.28
N VAL C 88 17.02 8.69 27.94
CA VAL C 88 15.60 8.57 27.62
C VAL C 88 15.31 9.40 26.38
N ILE C 89 14.70 8.77 25.37
CA ILE C 89 14.42 9.41 24.09
C ILE C 89 12.99 9.07 23.68
N LEU C 90 12.23 10.10 23.30
CA LEU C 90 10.87 9.93 22.80
C LEU C 90 10.89 10.00 21.28
N LYS C 91 10.14 9.10 20.64
CA LYS C 91 10.09 9.07 19.19
C LYS C 91 8.72 8.59 18.73
N LYS C 92 8.18 9.26 17.71
CA LYS C 92 6.91 8.88 17.13
C LYS C 92 7.17 7.92 15.97
N TYR C 93 7.10 6.62 16.25
CA TYR C 93 7.32 5.64 15.21
C TYR C 93 6.13 5.64 14.25
N ARG C 94 6.39 5.95 12.98
CA ARG C 94 5.35 6.04 11.99
C ARG C 94 5.04 4.66 11.40
N ASN C 95 3.81 4.50 10.93
CA ASN C 95 3.35 3.26 10.32
C ASN C 95 3.51 2.08 11.26
N MET C 96 2.79 2.12 12.37
CA MET C 96 2.89 1.09 13.39
C MET C 96 1.61 0.29 13.60
N VAL C 97 0.46 0.95 13.65
CA VAL C 97 -0.81 0.26 13.81
C VAL C 97 -1.60 0.36 12.51
N VAL C 98 -2.52 -0.59 12.33
CA VAL C 98 -3.32 -0.69 11.13
C VAL C 98 -4.69 -0.10 11.40
N ARG C 99 -5.14 0.80 10.54
CA ARG C 99 -6.46 1.41 10.64
C ARG C 99 -7.44 0.87 9.61
N ALA C 100 -6.97 0.42 8.46
CA ALA C 100 -7.84 -0.09 7.41
C ALA C 100 -7.10 -1.20 6.66
N CYS C 101 -7.79 -1.80 5.70
CA CYS C 101 -7.24 -2.90 4.93
C CYS C 101 -7.82 -2.86 3.52
N GLY C 102 -7.20 -3.60 2.61
CA GLY C 102 -7.72 -3.67 1.27
C GLY C 102 -6.90 -4.62 0.41
N CYS C 103 -7.45 -4.93 -0.76
CA CYS C 103 -6.77 -5.79 -1.71
C CYS C 103 -5.74 -5.01 -2.51
N HIS C 104 -4.51 -5.49 -2.51
CA HIS C 104 -3.42 -4.87 -3.26
C HIS C 104 -2.90 -5.82 -4.31
N THR D 8 6.70 17.41 -21.35
CA THR D 8 6.94 18.68 -22.03
C THR D 8 6.52 18.61 -23.49
N ARG D 9 5.76 17.57 -23.83
CA ARG D 9 5.30 17.38 -25.20
C ARG D 9 4.16 18.34 -25.51
N GLU D 10 3.72 18.32 -26.76
CA GLU D 10 2.61 19.15 -27.21
C GLU D 10 1.99 18.49 -28.44
N CYS D 11 0.68 18.28 -28.39
CA CYS D 11 -0.03 17.62 -29.48
C CYS D 11 -1.19 18.50 -29.95
N ILE D 12 -1.83 18.06 -31.02
CA ILE D 12 -2.97 18.77 -31.60
C ILE D 12 -4.24 18.13 -31.06
N TYR D 13 -4.93 18.82 -30.18
CA TYR D 13 -6.12 18.29 -29.54
C TYR D 13 -7.32 18.50 -30.44
N TYR D 14 -8.01 17.41 -30.80
CA TYR D 14 -9.22 17.45 -31.59
C TYR D 14 -10.24 16.52 -30.95
N ASN D 15 -11.50 16.94 -30.94
CA ASN D 15 -12.55 16.15 -30.29
C ASN D 15 -13.88 16.45 -30.96
N ALA D 16 -14.53 15.40 -31.48
CA ALA D 16 -15.81 15.57 -32.15
C ALA D 16 -16.98 15.71 -31.16
N ASN D 17 -16.79 15.32 -29.90
CA ASN D 17 -17.83 15.41 -28.88
C ASN D 17 -17.64 16.64 -28.00
N TRP D 18 -17.24 17.77 -28.59
CA TRP D 18 -16.96 18.96 -27.81
C TRP D 18 -18.20 19.47 -27.09
N GLU D 19 -19.36 19.42 -27.77
CA GLU D 19 -20.59 19.91 -27.17
C GLU D 19 -21.11 18.97 -26.08
N LEU D 20 -20.74 17.69 -26.11
CA LEU D 20 -21.24 16.76 -25.11
C LEU D 20 -20.68 17.07 -23.73
N GLU D 21 -19.36 17.24 -23.62
CA GLU D 21 -18.70 17.46 -22.34
C GLU D 21 -18.26 18.91 -22.14
N ARG D 22 -18.73 19.84 -22.98
CA ARG D 22 -18.38 21.25 -22.89
C ARG D 22 -16.85 21.44 -22.94
N THR D 23 -16.26 20.95 -24.02
CA THR D 23 -14.82 21.01 -24.21
C THR D 23 -14.53 21.68 -25.56
N ASN D 24 -13.27 21.61 -25.98
CA ASN D 24 -12.80 22.24 -27.21
C ASN D 24 -12.81 21.24 -28.35
N GLN D 25 -13.27 21.70 -29.52
CA GLN D 25 -13.28 20.85 -30.70
C GLN D 25 -11.89 20.69 -31.30
N SER D 26 -10.96 21.61 -31.00
CA SER D 26 -9.59 21.53 -31.51
C SER D 26 -8.70 22.33 -30.57
N GLY D 27 -7.46 22.55 -30.98
CA GLY D 27 -6.53 23.39 -30.26
C GLY D 27 -5.19 22.72 -30.10
N LEU D 28 -4.33 23.35 -29.33
CA LEU D 28 -3.00 22.82 -29.03
C LEU D 28 -2.97 22.42 -27.56
N GLU D 29 -2.76 21.13 -27.29
CA GLU D 29 -2.77 20.61 -25.93
C GLU D 29 -1.33 20.38 -25.47
N ARG D 30 -0.95 21.02 -24.37
CA ARG D 30 0.36 20.80 -23.76
C ARG D 30 0.28 19.55 -22.87
N CYS D 31 1.15 18.58 -23.13
CA CYS D 31 1.10 17.31 -22.43
C CYS D 31 1.55 17.46 -20.99
N GLU D 32 0.93 16.68 -20.10
CA GLU D 32 1.29 16.63 -18.69
C GLU D 32 1.30 15.18 -18.25
N GLY D 33 2.45 14.71 -17.77
CA GLY D 33 2.60 13.33 -17.37
C GLY D 33 3.56 13.19 -16.21
N GLU D 34 3.68 11.96 -15.72
CA GLU D 34 4.55 11.68 -14.58
C GLU D 34 6.02 11.86 -14.96
N GLN D 35 6.83 12.11 -13.94
CA GLN D 35 8.26 12.29 -14.16
C GLN D 35 8.92 10.96 -14.50
N ASP D 36 10.05 11.04 -15.21
CA ASP D 36 10.80 9.87 -15.65
C ASP D 36 9.99 8.97 -16.58
N LYS D 37 8.95 9.52 -17.20
CA LYS D 37 8.09 8.76 -18.09
C LYS D 37 7.91 9.53 -19.39
N ARG D 38 7.85 8.80 -20.50
CA ARG D 38 7.66 9.42 -21.80
C ARG D 38 6.20 9.77 -22.03
N LEU D 39 5.98 10.71 -22.95
CA LEU D 39 4.64 11.16 -23.31
C LEU D 39 4.52 11.15 -24.82
N HIS D 40 3.44 10.58 -25.33
CA HIS D 40 3.22 10.46 -26.77
C HIS D 40 1.99 11.24 -27.18
N CYS D 41 1.77 11.31 -28.49
CA CYS D 41 0.52 11.80 -29.05
C CYS D 41 -0.21 10.66 -29.73
N TYR D 42 -1.52 10.80 -29.84
CA TYR D 42 -2.36 9.76 -30.43
C TYR D 42 -3.36 10.40 -31.39
N ALA D 43 -3.68 9.66 -32.44
CA ALA D 43 -4.70 10.07 -33.41
C ALA D 43 -5.60 8.89 -33.71
N SER D 44 -6.91 9.08 -33.57
CA SER D 44 -7.89 8.04 -33.82
C SER D 44 -9.01 8.62 -34.67
N TRP D 45 -9.38 7.89 -35.72
CA TRP D 45 -10.36 8.36 -36.68
C TRP D 45 -11.24 7.21 -37.15
N ARG D 46 -12.25 7.56 -37.95
CA ARG D 46 -13.20 6.61 -38.51
C ARG D 46 -13.06 6.63 -40.02
N ASN D 47 -12.78 5.47 -40.61
CA ASN D 47 -12.62 5.33 -42.05
C ASN D 47 -13.67 4.36 -42.57
N SER D 48 -14.36 4.76 -43.64
CA SER D 48 -15.44 3.94 -44.20
C SER D 48 -15.56 4.23 -45.69
N SER D 49 -15.07 3.31 -46.51
CA SER D 49 -15.23 3.37 -47.96
C SER D 49 -14.64 4.66 -48.54
N GLY D 50 -13.44 5.01 -48.08
CA GLY D 50 -12.74 6.16 -48.59
C GLY D 50 -13.03 7.47 -47.88
N THR D 51 -13.97 7.49 -46.94
CA THR D 51 -14.31 8.69 -46.20
C THR D 51 -13.54 8.70 -44.88
N ILE D 52 -12.92 9.83 -44.57
CA ILE D 52 -12.12 9.99 -43.36
C ILE D 52 -12.84 10.97 -42.44
N GLU D 53 -13.06 10.55 -41.19
CA GLU D 53 -13.74 11.38 -40.20
C GLU D 53 -13.01 11.22 -38.88
N LEU D 54 -12.15 12.18 -38.56
CA LEU D 54 -11.40 12.14 -37.31
C LEU D 54 -12.34 12.21 -36.11
N VAL D 55 -12.02 11.45 -35.07
CA VAL D 55 -12.81 11.46 -33.85
C VAL D 55 -12.02 12.08 -32.69
N LYS D 56 -10.76 11.69 -32.50
CA LYS D 56 -10.04 12.18 -31.32
C LYS D 56 -8.55 12.18 -31.56
N LYS D 57 -7.93 13.35 -31.39
CA LYS D 57 -6.48 13.50 -31.39
C LYS D 57 -6.05 14.18 -30.11
N GLY D 58 -4.89 13.79 -29.59
CA GLY D 58 -4.43 14.43 -28.36
C GLY D 58 -3.23 13.73 -27.77
N CYS D 59 -3.17 13.76 -26.44
CA CYS D 59 -2.03 13.27 -25.68
C CYS D 59 -2.27 11.84 -25.18
N TRP D 60 -1.16 11.17 -24.86
CA TRP D 60 -1.17 9.77 -24.48
C TRP D 60 -0.01 9.53 -23.53
N LEU D 61 -0.22 8.66 -22.55
CA LEU D 61 0.80 8.39 -21.55
C LEU D 61 1.82 7.41 -22.11
N ASP D 62 2.71 6.91 -21.26
CA ASP D 62 3.73 5.97 -21.71
C ASP D 62 3.09 4.69 -22.23
N ASP D 63 3.51 4.28 -23.42
CA ASP D 63 2.97 3.07 -24.04
C ASP D 63 4.05 2.39 -24.86
N PHE D 64 4.07 1.06 -24.81
CA PHE D 64 5.07 0.29 -25.54
C PHE D 64 4.83 0.34 -27.04
N ASN D 65 3.59 0.52 -27.47
CA ASN D 65 3.24 0.37 -28.88
C ASN D 65 3.78 1.49 -29.76
N CYS D 66 4.27 2.59 -29.18
CA CYS D 66 4.73 3.74 -29.96
C CYS D 66 6.07 4.23 -29.45
N TYR D 67 7.02 3.31 -29.31
CA TYR D 67 8.39 3.67 -28.94
C TYR D 67 9.15 4.17 -30.15
N ASP D 68 9.61 5.41 -30.11
CA ASP D 68 10.49 5.99 -31.13
C ASP D 68 9.88 5.89 -32.52
N ARG D 69 8.65 6.38 -32.65
CA ARG D 69 7.97 6.46 -33.93
C ARG D 69 7.76 7.94 -34.27
N GLN D 70 8.24 8.36 -35.43
CA GLN D 70 8.15 9.75 -35.85
C GLN D 70 6.94 10.04 -36.71
N GLU D 71 6.08 9.06 -36.95
CA GLU D 71 4.88 9.26 -37.75
C GLU D 71 3.73 8.50 -37.12
N CYS D 72 2.51 8.86 -37.52
CA CYS D 72 1.28 8.27 -37.00
C CYS D 72 0.79 7.26 -38.04
N VAL D 73 1.23 6.02 -37.91
CA VAL D 73 0.89 4.95 -38.84
C VAL D 73 0.09 3.90 -38.10
N ALA D 74 -1.12 3.63 -38.57
CA ALA D 74 -2.00 2.64 -37.96
C ALA D 74 -1.70 1.28 -38.55
N THR D 75 -1.34 0.31 -37.70
CA THR D 75 -0.97 -1.02 -38.11
C THR D 75 -2.11 -2.02 -37.99
N GLU D 76 -3.25 -1.61 -37.46
CA GLU D 76 -4.38 -2.53 -37.29
C GLU D 76 -5.02 -2.82 -38.64
N GLU D 77 -5.41 -4.08 -38.84
CA GLU D 77 -6.01 -4.52 -40.09
C GLU D 77 -7.52 -4.34 -40.00
N ASN D 78 -8.02 -3.24 -40.56
CA ASN D 78 -9.44 -2.95 -40.66
C ASN D 78 -10.19 -3.04 -39.31
N PRO D 79 -9.87 -2.18 -38.35
CA PRO D 79 -10.71 -2.06 -37.17
C PRO D 79 -11.82 -1.03 -37.35
N GLN D 80 -12.70 -0.97 -36.35
CA GLN D 80 -13.81 -0.02 -36.40
C GLN D 80 -13.32 1.42 -36.36
N VAL D 81 -12.35 1.71 -35.49
CA VAL D 81 -11.76 3.03 -35.36
C VAL D 81 -10.25 2.88 -35.48
N TYR D 82 -9.66 3.53 -36.48
CA TYR D 82 -8.22 3.44 -36.66
C TYR D 82 -7.51 4.28 -35.60
N PHE D 83 -6.38 3.77 -35.13
CA PHE D 83 -5.62 4.42 -34.06
C PHE D 83 -4.14 4.34 -34.37
N CYS D 84 -3.43 5.44 -34.14
CA CYS D 84 -1.98 5.47 -34.29
C CYS D 84 -1.37 6.31 -33.19
N CYS D 85 -0.25 5.84 -32.64
CA CYS D 85 0.47 6.50 -31.56
C CYS D 85 1.86 6.90 -32.07
N CYS D 86 2.29 8.12 -31.74
CA CYS D 86 3.56 8.62 -32.21
C CYS D 86 4.27 9.39 -31.11
N GLU D 87 5.58 9.17 -30.99
CA GLU D 87 6.41 9.91 -30.05
C GLU D 87 7.08 11.07 -30.78
N GLY D 88 6.95 12.26 -30.21
CA GLY D 88 7.54 13.44 -30.81
C GLY D 88 6.71 14.66 -30.48
N ASN D 89 7.00 15.74 -31.19
CA ASN D 89 6.31 17.01 -31.02
C ASN D 89 5.47 17.29 -32.26
N PHE D 90 4.17 17.50 -32.05
CA PHE D 90 3.24 17.81 -33.14
C PHE D 90 3.24 16.71 -34.21
N CYS D 91 3.29 15.46 -33.77
CA CYS D 91 3.20 14.34 -34.69
C CYS D 91 1.77 13.97 -35.03
N ASN D 92 0.79 14.68 -34.49
CA ASN D 92 -0.62 14.46 -34.78
C ASN D 92 -1.09 15.18 -36.04
N GLU D 93 -0.16 15.61 -36.91
CA GLU D 93 -0.56 16.38 -38.08
C GLU D 93 -1.22 15.50 -39.13
N ARG D 94 -0.56 14.42 -39.53
CA ARG D 94 -1.06 13.52 -40.55
C ARG D 94 -1.14 12.10 -40.01
N PHE D 95 -1.72 11.21 -40.83
CA PHE D 95 -1.87 9.82 -40.45
C PHE D 95 -2.05 8.97 -41.70
N THR D 96 -1.81 7.67 -41.55
CA THR D 96 -1.93 6.73 -42.65
C THR D 96 -2.34 5.38 -42.09
N HIS D 97 -2.84 4.51 -42.97
CA HIS D 97 -3.33 3.18 -42.59
C HIS D 97 -2.48 2.08 -43.21
N LEU D 98 -1.17 2.22 -43.15
CA LEU D 98 -0.28 1.18 -43.66
C LEU D 98 -0.09 0.10 -42.60
N PRO D 99 -0.56 -1.13 -42.86
CA PRO D 99 -0.45 -2.22 -41.90
C PRO D 99 0.90 -2.95 -41.98
N THR E 1 13.75 -17.12 -3.93
CA THR E 1 12.45 -16.46 -3.75
C THR E 1 12.58 -15.22 -2.87
N ALA E 2 12.13 -14.09 -3.39
CA ALA E 2 12.16 -12.84 -2.64
C ALA E 2 11.14 -11.90 -3.26
N CYS E 3 10.81 -10.84 -2.51
CA CYS E 3 9.92 -9.81 -3.00
C CYS E 3 10.50 -9.19 -4.26
N ARG E 4 9.85 -9.42 -5.40
CA ARG E 4 10.39 -9.00 -6.69
C ARG E 4 9.25 -8.73 -7.64
N LYS E 5 9.31 -7.60 -8.34
CA LYS E 5 8.30 -7.23 -9.32
C LYS E 5 8.49 -8.07 -10.56
N HIS E 6 7.63 -9.07 -10.76
CA HIS E 6 7.71 -9.90 -11.94
C HIS E 6 7.10 -9.17 -13.14
N GLU E 7 7.26 -9.77 -14.32
CA GLU E 7 6.77 -9.19 -15.56
C GLU E 7 5.57 -9.97 -16.05
N LEU E 8 4.51 -9.26 -16.47
CA LEU E 8 3.30 -9.89 -16.96
C LEU E 8 2.64 -8.94 -17.95
N TYR E 9 2.40 -9.43 -19.17
CA TYR E 9 1.72 -8.68 -20.21
C TYR E 9 0.33 -9.28 -20.40
N VAL E 10 -0.70 -8.51 -20.05
CA VAL E 10 -2.08 -8.95 -20.15
C VAL E 10 -2.71 -8.30 -21.38
N SER E 11 -3.30 -9.12 -22.24
CA SER E 11 -3.90 -8.65 -23.48
C SER E 11 -5.41 -8.64 -23.35
N PHE E 12 -6.03 -7.51 -23.70
CA PHE E 12 -7.48 -7.39 -23.66
C PHE E 12 -8.16 -8.28 -24.69
N GLN E 13 -7.43 -8.80 -25.67
CA GLN E 13 -8.03 -9.69 -26.65
C GLN E 13 -8.52 -10.99 -26.00
N ASP E 14 -7.72 -11.56 -25.10
CA ASP E 14 -8.12 -12.77 -24.39
C ASP E 14 -8.88 -12.48 -23.11
N LEU E 15 -9.09 -11.21 -22.77
CA LEU E 15 -9.89 -10.85 -21.61
C LEU E 15 -11.30 -10.45 -21.98
N GLY E 16 -11.73 -10.74 -23.21
CA GLY E 16 -13.09 -10.48 -23.63
C GLY E 16 -13.46 -9.03 -23.84
N TRP E 17 -12.50 -8.12 -23.75
CA TRP E 17 -12.76 -6.70 -23.89
C TRP E 17 -12.39 -6.16 -25.26
N GLN E 18 -12.11 -7.04 -26.23
CA GLN E 18 -11.71 -6.59 -27.56
C GLN E 18 -12.82 -5.87 -28.29
N ASP E 19 -14.07 -5.99 -27.83
CA ASP E 19 -15.19 -5.34 -28.50
C ASP E 19 -15.36 -3.88 -28.08
N TRP E 20 -14.86 -3.50 -26.90
CA TRP E 20 -15.05 -2.13 -26.42
C TRP E 20 -13.73 -1.47 -26.03
N ILE E 21 -12.60 -1.99 -26.50
CA ILE E 21 -11.29 -1.38 -26.27
C ILE E 21 -10.63 -1.16 -27.62
N ILE E 22 -10.55 0.10 -28.04
CA ILE E 22 -9.90 0.41 -29.31
C ILE E 22 -8.39 0.28 -29.20
N ALA E 23 -7.80 0.89 -28.17
CA ALA E 23 -6.38 0.82 -27.93
C ALA E 23 -6.11 1.27 -26.50
N PRO E 24 -5.10 0.72 -25.83
CA PRO E 24 -4.15 -0.30 -26.31
C PRO E 24 -4.78 -1.68 -26.33
N LYS E 25 -4.28 -2.59 -27.18
CA LYS E 25 -4.79 -3.95 -27.24
C LYS E 25 -4.07 -4.89 -26.28
N GLY E 26 -3.55 -4.35 -25.19
CA GLY E 26 -2.80 -5.13 -24.22
C GLY E 26 -1.66 -4.33 -23.65
N TYR E 27 -1.54 -4.29 -22.32
CA TYR E 27 -0.53 -3.50 -21.65
C TYR E 27 0.25 -4.38 -20.68
N ALA E 28 1.38 -3.87 -20.22
CA ALA E 28 2.26 -4.59 -19.30
C ALA E 28 1.83 -4.28 -17.88
N ALA E 29 1.03 -5.17 -17.29
CA ALA E 29 0.60 -5.05 -15.90
C ALA E 29 1.44 -5.99 -15.05
N ASN E 30 2.62 -5.51 -14.67
CA ASN E 30 3.55 -6.32 -13.89
C ASN E 30 2.93 -6.73 -12.57
N TYR E 31 2.92 -8.03 -12.29
CA TYR E 31 2.39 -8.52 -11.02
C TYR E 31 3.51 -8.69 -10.01
N CYS E 32 3.15 -8.56 -8.74
CA CYS E 32 4.11 -8.59 -7.64
C CYS E 32 4.02 -9.93 -6.92
N ASP E 33 5.17 -10.58 -6.74
CA ASP E 33 5.20 -11.89 -6.11
C ASP E 33 6.53 -12.08 -5.41
N GLY E 34 6.56 -13.06 -4.51
CA GLY E 34 7.74 -13.38 -3.74
C GLY E 34 7.36 -13.65 -2.31
N GLU E 35 8.37 -13.70 -1.44
CA GLU E 35 8.16 -13.94 -0.02
C GLU E 35 8.93 -12.91 0.79
N CYS E 36 8.38 -12.56 1.95
CA CYS E 36 8.98 -11.61 2.87
C CYS E 36 9.41 -12.33 4.13
N SER E 37 10.71 -12.35 4.39
CA SER E 37 11.26 -13.04 5.54
C SER E 37 12.29 -12.15 6.23
N PHE E 38 12.50 -12.42 7.52
CA PHE E 38 13.47 -11.65 8.29
C PHE E 38 14.88 -11.95 7.80
N PRO E 39 15.70 -10.94 7.54
CA PRO E 39 15.44 -9.50 7.67
C PRO E 39 14.91 -8.86 6.40
N LEU E 40 14.32 -7.68 6.52
CA LEU E 40 13.77 -6.93 5.40
C LEU E 40 14.80 -5.89 4.99
N ASN E 41 15.38 -6.04 3.80
CA ASN E 41 16.55 -5.29 3.39
C ASN E 41 16.16 -3.91 2.90
N ALA E 42 17.12 -3.21 2.31
CA ALA E 42 16.86 -1.88 1.76
C ALA E 42 15.97 -1.96 0.53
N HIS E 43 16.27 -2.89 -0.38
CA HIS E 43 15.50 -3.00 -1.61
C HIS E 43 14.11 -3.57 -1.35
N MET E 44 13.97 -4.48 -0.38
CA MET E 44 12.65 -4.96 0.03
C MET E 44 12.00 -3.89 0.89
N ASN E 45 11.41 -2.91 0.21
CA ASN E 45 10.83 -1.75 0.89
C ASN E 45 9.79 -2.18 1.91
N ALA E 46 10.02 -1.85 3.18
CA ALA E 46 9.18 -2.32 4.26
C ALA E 46 8.84 -1.17 5.19
N THR E 47 7.72 -1.35 5.91
CA THR E 47 7.26 -0.40 6.90
C THR E 47 7.61 -0.90 8.30
N ASN E 48 7.39 -0.03 9.29
CA ASN E 48 7.62 -0.42 10.67
C ASN E 48 6.66 -1.53 11.09
N HIS E 49 5.40 -1.45 10.65
CA HIS E 49 4.43 -2.47 11.01
C HIS E 49 4.74 -3.79 10.35
N ALA E 50 5.25 -3.78 9.12
CA ALA E 50 5.66 -5.01 8.47
C ALA E 50 6.79 -5.69 9.24
N ILE E 51 7.75 -4.90 9.73
CA ILE E 51 8.83 -5.46 10.52
C ILE E 51 8.31 -6.02 11.83
N VAL E 52 7.39 -5.30 12.48
CA VAL E 52 6.83 -5.80 13.74
C VAL E 52 6.06 -7.09 13.51
N GLN E 53 5.29 -7.17 12.43
CA GLN E 53 4.53 -8.38 12.15
C GLN E 53 5.45 -9.55 11.82
N THR E 54 6.50 -9.31 11.03
CA THR E 54 7.42 -10.39 10.70
C THR E 54 8.30 -10.77 11.89
N LEU E 55 8.40 -9.91 12.90
CA LEU E 55 9.07 -10.30 14.14
C LEU E 55 8.14 -11.11 15.05
N VAL E 56 6.86 -10.76 15.09
CA VAL E 56 5.90 -11.57 15.84
C VAL E 56 5.76 -12.94 15.20
N HIS E 57 5.85 -13.01 13.86
CA HIS E 57 5.77 -14.30 13.19
C HIS E 57 6.91 -15.23 13.61
N LEU E 58 8.04 -14.66 14.04
CA LEU E 58 9.16 -15.50 14.48
C LEU E 58 8.76 -16.36 15.68
N MET E 59 8.19 -15.73 16.71
CA MET E 59 7.84 -16.47 17.93
C MET E 59 6.61 -17.33 17.72
N ASN E 60 5.59 -16.80 17.05
CA ASN E 60 4.34 -17.49 16.78
C ASN E 60 4.16 -17.63 15.28
N PRO E 61 4.72 -18.68 14.66
CA PRO E 61 4.55 -18.87 13.21
C PRO E 61 3.14 -19.26 12.81
N GLU E 62 2.27 -19.59 13.76
CA GLU E 62 0.91 -20.00 13.47
C GLU E 62 -0.12 -18.92 13.71
N TYR E 63 0.07 -18.09 14.73
CA TYR E 63 -0.95 -17.09 15.09
C TYR E 63 -0.98 -15.95 14.07
N VAL E 64 0.18 -15.41 13.71
CA VAL E 64 0.28 -14.25 12.84
C VAL E 64 1.05 -14.67 11.59
N PRO E 65 0.53 -14.40 10.39
CA PRO E 65 1.26 -14.74 9.17
C PRO E 65 2.26 -13.67 8.77
N LYS E 66 3.14 -14.04 7.84
CA LYS E 66 4.18 -13.14 7.38
C LYS E 66 3.56 -11.99 6.57
N PRO E 67 4.27 -10.85 6.50
CA PRO E 67 3.83 -9.78 5.62
C PRO E 67 3.82 -10.24 4.16
N CYS E 68 3.21 -9.43 3.31
CA CYS E 68 2.90 -9.84 1.94
C CYS E 68 3.65 -8.95 0.95
N CYS E 69 4.18 -9.56 -0.10
CA CYS E 69 4.85 -8.83 -1.18
C CYS E 69 3.77 -8.17 -2.03
N ALA E 70 3.59 -6.87 -1.85
CA ALA E 70 2.53 -6.10 -2.47
C ALA E 70 3.10 -4.86 -3.14
N PRO E 71 2.43 -4.32 -4.15
CA PRO E 71 2.94 -3.13 -4.83
C PRO E 71 2.97 -1.91 -3.92
N THR E 72 3.95 -1.03 -4.17
CA THR E 72 4.07 0.23 -3.46
C THR E 72 3.93 1.44 -4.36
N LYS E 73 4.21 1.32 -5.66
CA LYS E 73 4.09 2.42 -6.61
C LYS E 73 3.34 1.93 -7.84
N LEU E 74 2.41 2.75 -8.32
CA LEU E 74 1.58 2.40 -9.46
C LEU E 74 1.49 3.58 -10.42
N ASN E 75 1.24 3.28 -11.68
CA ASN E 75 1.12 4.30 -12.72
C ASN E 75 -0.19 4.12 -13.47
N ALA E 76 -0.69 5.22 -14.01
CA ALA E 76 -1.91 5.21 -14.81
C ALA E 76 -1.59 4.90 -16.27
N ILE E 77 -2.59 4.39 -16.99
CA ILE E 77 -2.47 4.14 -18.42
C ILE E 77 -3.67 4.75 -19.13
N SER E 78 -3.45 5.22 -20.34
CA SER E 78 -4.50 5.83 -21.13
C SER E 78 -5.22 4.75 -21.94
N VAL E 79 -6.55 4.75 -21.89
CA VAL E 79 -7.37 3.75 -22.57
C VAL E 79 -8.43 4.48 -23.39
N LEU E 80 -8.53 4.11 -24.66
CA LEU E 80 -9.53 4.67 -25.57
C LEU E 80 -10.58 3.59 -25.83
N TYR E 81 -11.70 3.67 -25.12
CA TYR E 81 -12.70 2.61 -25.12
C TYR E 81 -14.02 3.12 -25.67
N PHE E 82 -14.85 2.16 -26.11
CA PHE E 82 -16.20 2.46 -26.54
C PHE E 82 -17.13 2.65 -25.35
N ASP E 83 -18.22 3.38 -25.59
CA ASP E 83 -19.24 3.61 -24.59
C ASP E 83 -20.43 2.67 -24.84
N ASP E 84 -21.51 2.89 -24.09
CA ASP E 84 -22.72 2.10 -24.31
C ASP E 84 -23.47 2.53 -25.57
N ASN E 85 -23.23 3.74 -26.06
CA ASN E 85 -23.85 4.24 -27.28
C ASN E 85 -22.83 4.38 -28.41
N SER E 86 -21.87 3.45 -28.44
CA SER E 86 -20.82 3.43 -29.48
C SER E 86 -20.10 4.78 -29.58
N ASN E 87 -19.80 5.37 -28.43
CA ASN E 87 -19.11 6.65 -28.36
C ASN E 87 -17.68 6.42 -27.89
N VAL E 88 -16.72 7.00 -28.61
CA VAL E 88 -15.31 6.86 -28.27
C VAL E 88 -14.98 7.77 -27.09
N ILE E 89 -14.40 7.20 -26.04
CA ILE E 89 -14.09 7.94 -24.82
C ILE E 89 -12.67 7.58 -24.38
N LEU E 90 -11.88 8.60 -24.08
CA LEU E 90 -10.53 8.43 -23.56
C LEU E 90 -10.54 8.61 -22.05
N LYS E 91 -9.83 7.73 -21.34
CA LYS E 91 -9.77 7.81 -19.89
C LYS E 91 -8.43 7.33 -19.40
N LYS E 92 -7.86 8.05 -18.44
CA LYS E 92 -6.59 7.66 -17.82
C LYS E 92 -6.90 6.82 -16.59
N TYR E 93 -6.87 5.50 -16.76
CA TYR E 93 -7.12 4.60 -15.66
C TYR E 93 -5.93 4.64 -14.70
N ARG E 94 -6.19 5.06 -13.46
CA ARG E 94 -5.13 5.19 -12.47
C ARG E 94 -4.88 3.85 -11.78
N ASN E 95 -3.64 3.67 -11.30
CA ASN E 95 -3.23 2.47 -10.59
C ASN E 95 -3.44 1.22 -11.44
N MET E 96 -2.72 1.16 -12.56
CA MET E 96 -2.86 0.05 -13.49
C MET E 96 -1.61 -0.79 -13.63
N VAL E 97 -0.44 -0.19 -13.73
CA VAL E 97 0.82 -0.93 -13.83
C VAL E 97 1.61 -0.77 -12.55
N VAL E 98 2.49 -1.72 -12.29
CA VAL E 98 3.30 -1.77 -11.08
C VAL E 98 4.68 -1.24 -11.40
N ARG E 99 5.16 -0.29 -10.61
CA ARG E 99 6.50 0.26 -10.75
C ARG E 99 7.47 -0.23 -9.69
N ALA E 100 6.98 -0.58 -8.50
CA ALA E 100 7.83 -1.04 -7.42
C ALA E 100 7.06 -2.06 -6.59
N CYS E 101 7.72 -2.60 -5.58
CA CYS E 101 7.14 -3.63 -4.72
C CYS E 101 7.72 -3.50 -3.33
N GLY E 102 7.08 -4.14 -2.37
CA GLY E 102 7.60 -4.13 -1.01
C GLY E 102 6.74 -4.98 -0.10
N CYS E 103 7.28 -5.21 1.09
CA CYS E 103 6.57 -5.98 2.11
C CYS E 103 5.58 -5.10 2.85
N HIS E 104 4.33 -5.53 2.88
CA HIS E 104 3.26 -4.82 3.57
C HIS E 104 2.71 -5.67 4.71
N THR F 8 -5.86 18.98 19.62
CA THR F 8 -6.06 20.31 20.18
C THR F 8 -5.66 20.34 21.65
N ARG F 9 -4.95 19.30 22.10
CA ARG F 9 -4.52 19.20 23.48
C ARG F 9 -3.36 20.15 23.75
N GLU F 10 -2.94 20.22 25.01
CA GLU F 10 -1.81 21.04 25.41
C GLU F 10 -1.24 20.47 26.69
N CYS F 11 0.07 20.20 26.70
CA CYS F 11 0.72 19.61 27.86
C CYS F 11 1.90 20.47 28.27
N ILE F 12 2.50 20.12 29.40
CA ILE F 12 3.65 20.83 29.93
C ILE F 12 4.91 20.08 29.49
N TYR F 13 5.65 20.68 28.56
CA TYR F 13 6.83 20.04 28.00
C TYR F 13 8.02 20.28 28.91
N TYR F 14 8.65 19.21 29.37
CA TYR F 14 9.86 19.26 30.18
C TYR F 14 10.84 18.24 29.65
N ASN F 15 12.13 18.60 29.63
CA ASN F 15 13.15 17.73 29.08
C ASN F 15 14.48 18.02 29.75
N ALA F 16 15.08 17.00 30.37
CA ALA F 16 16.36 17.17 31.04
C ALA F 16 17.54 17.20 30.09
N ASN F 17 17.36 16.71 28.86
CA ASN F 17 18.42 16.67 27.86
C ASN F 17 18.30 17.83 26.88
N TRP F 18 17.93 19.01 27.36
CA TRP F 18 17.72 20.15 26.47
C TRP F 18 19.00 20.55 25.75
N GLU F 19 20.14 20.50 26.45
CA GLU F 19 21.40 20.89 25.84
C GLU F 19 21.91 19.85 24.85
N LEU F 20 21.48 18.59 24.98
CA LEU F 20 21.95 17.55 24.08
C LEU F 20 21.44 17.79 22.66
N GLU F 21 20.14 17.99 22.51
CA GLU F 21 19.51 18.13 21.20
C GLU F 21 19.13 19.56 20.86
N ARG F 22 19.62 20.53 21.64
CA ARG F 22 19.33 21.95 21.42
C ARG F 22 17.82 22.21 21.42
N THR F 23 17.17 21.83 22.52
CA THR F 23 15.74 21.97 22.67
C THR F 23 15.44 22.76 23.95
N ASN F 24 14.17 22.77 24.34
CA ASN F 24 13.71 23.52 25.50
C ASN F 24 13.66 22.62 26.73
N GLN F 25 14.12 23.16 27.86
CA GLN F 25 14.06 22.42 29.11
C GLN F 25 12.65 22.36 29.69
N SER F 26 11.77 23.28 29.29
CA SER F 26 10.39 23.30 29.77
C SER F 26 9.55 24.06 28.75
N GLY F 27 8.31 24.36 29.12
CA GLY F 27 7.43 25.17 28.31
C GLY F 27 6.08 24.53 28.17
N LEU F 28 5.24 25.13 27.33
CA LEU F 28 3.91 24.63 27.04
C LEU F 28 3.89 24.11 25.61
N GLU F 29 3.64 22.82 25.45
CA GLU F 29 3.65 22.18 24.14
C GLU F 29 2.21 21.96 23.67
N ARG F 30 1.87 22.52 22.50
CA ARG F 30 0.58 22.29 21.88
C ARG F 30 0.62 20.99 21.10
N CYS F 31 -0.30 20.08 21.42
CA CYS F 31 -0.28 18.75 20.83
C CYS F 31 -0.70 18.79 19.37
N GLU F 32 -0.08 17.92 18.56
CA GLU F 32 -0.42 17.77 17.15
C GLU F 32 -0.48 16.28 16.84
N GLY F 33 -1.64 15.82 16.37
CA GLY F 33 -1.84 14.41 16.09
C GLY F 33 -2.78 14.22 14.91
N GLU F 34 -2.94 12.96 14.52
CA GLU F 34 -3.79 12.62 13.40
C GLU F 34 -5.26 12.88 13.72
N GLN F 35 -6.04 13.09 12.67
CA GLN F 35 -7.46 13.34 12.84
C GLN F 35 -8.19 12.06 13.27
N ASP F 36 -9.32 12.25 13.94
CA ASP F 36 -10.14 11.15 14.46
C ASP F 36 -9.39 10.30 15.48
N LYS F 37 -8.33 10.85 16.08
CA LYS F 37 -7.52 10.14 17.05
C LYS F 37 -7.33 11.02 18.29
N ARG F 38 -7.32 10.37 19.45
CA ARG F 38 -7.14 11.09 20.70
C ARG F 38 -5.67 11.41 20.93
N LEU F 39 -5.43 12.41 21.78
CA LEU F 39 -4.09 12.84 22.13
C LEU F 39 -3.99 12.95 23.64
N HIS F 40 -2.95 12.38 24.22
CA HIS F 40 -2.76 12.37 25.67
C HIS F 40 -1.50 13.14 26.05
N CYS F 41 -1.31 13.31 27.35
CA CYS F 41 -0.06 13.80 27.89
C CYS F 41 0.61 12.69 28.69
N TYR F 42 1.93 12.79 28.81
CA TYR F 42 2.71 11.78 29.52
C TYR F 42 3.71 12.45 30.43
N ALA F 43 3.99 11.79 31.55
CA ALA F 43 5.00 12.24 32.50
C ALA F 43 5.84 11.05 32.92
N SER F 44 7.16 11.18 32.79
CA SER F 44 8.10 10.13 33.16
C SER F 44 9.22 10.74 33.98
N TRP F 45 9.54 10.09 35.10
CA TRP F 45 10.52 10.60 36.04
C TRP F 45 11.34 9.45 36.62
N ARG F 46 12.34 9.82 37.41
CA ARG F 46 13.25 8.89 38.07
C ARG F 46 13.08 9.04 39.57
N ASN F 47 12.74 7.95 40.25
CA ASN F 47 12.55 7.94 41.69
C ASN F 47 13.55 6.97 42.32
N SER F 48 14.23 7.43 43.36
CA SER F 48 15.27 6.63 44.02
C SER F 48 15.35 7.04 45.47
N SER F 49 14.82 6.19 46.37
CA SER F 49 14.95 6.38 47.81
C SER F 49 14.40 7.73 48.26
N GLY F 50 13.23 8.10 47.75
CA GLY F 50 12.56 9.31 48.14
C GLY F 50 12.93 10.54 47.34
N THR F 51 13.89 10.44 46.43
CA THR F 51 14.29 11.57 45.59
C THR F 51 13.54 11.49 44.25
N ILE F 52 12.98 12.61 43.83
CA ILE F 52 12.21 12.71 42.60
C ILE F 52 12.98 13.57 41.62
N GLU F 53 13.20 13.05 40.41
CA GLU F 53 13.95 13.77 39.37
C GLU F 53 13.24 13.52 38.04
N LEU F 54 12.42 14.48 37.64
CA LEU F 54 11.69 14.37 36.37
C LEU F 54 12.66 14.31 35.21
N VAL F 55 12.34 13.47 34.23
CA VAL F 55 13.15 13.34 33.02
C VAL F 55 12.42 13.89 31.79
N LYS F 56 11.14 13.54 31.60
CA LYS F 56 10.46 13.94 30.38
C LYS F 56 8.96 14.04 30.58
N LYS F 57 8.40 15.21 30.29
CA LYS F 57 6.96 15.41 30.26
C LYS F 57 6.58 16.00 28.91
N GLY F 58 5.41 15.62 28.40
CA GLY F 58 5.01 16.15 27.11
C GLY F 58 3.79 15.47 26.54
N CYS F 59 3.76 15.38 25.22
CA CYS F 59 2.61 14.87 24.48
C CYS F 59 2.80 13.41 24.10
N TRP F 60 1.68 12.75 23.81
CA TRP F 60 1.64 11.33 23.55
C TRP F 60 0.49 11.05 22.60
N LEU F 61 0.69 10.10 21.69
CA LEU F 61 -0.33 9.79 20.70
C LEU F 61 -1.39 8.90 21.32
N ASP F 62 -2.28 8.36 20.49
CA ASP F 62 -3.36 7.50 20.99
C ASP F 62 -2.78 6.25 21.63
N ASP F 63 -3.24 5.95 22.84
CA ASP F 63 -2.75 4.77 23.56
C ASP F 63 -3.88 4.21 24.42
N PHE F 64 -3.95 2.89 24.47
CA PHE F 64 -5.00 2.22 25.25
C PHE F 64 -4.79 2.39 26.74
N ASN F 65 -3.54 2.55 27.19
CA ASN F 65 -3.23 2.50 28.61
C ASN F 65 -3.74 3.72 29.38
N CYS F 66 -4.17 4.78 28.70
CA CYS F 66 -4.60 6.00 29.37
C CYS F 66 -5.91 6.51 28.79
N TYR F 67 -6.90 5.62 28.70
CA TYR F 67 -8.24 6.00 28.27
C TYR F 67 -9.01 6.61 29.43
N ASP F 68 -9.42 7.88 29.26
CA ASP F 68 -10.30 8.56 30.21
C ASP F 68 -9.72 8.57 31.62
N ARG F 69 -8.48 9.02 31.75
CA ARG F 69 -7.81 9.18 33.03
C ARG F 69 -7.56 10.67 33.25
N GLN F 70 -8.04 11.20 34.36
CA GLN F 70 -7.91 12.62 34.65
C GLN F 70 -6.70 12.94 35.53
N GLU F 71 -5.88 11.94 35.86
CA GLU F 71 -4.69 12.16 36.67
C GLU F 71 -3.56 11.31 36.14
N CYS F 72 -2.34 11.66 36.54
CA CYS F 72 -1.13 10.97 36.09
C CYS F 72 -0.70 10.05 37.22
N VAL F 73 -1.18 8.81 37.19
CA VAL F 73 -0.90 7.81 38.21
C VAL F 73 -0.13 6.67 37.58
N ALA F 74 1.06 6.40 38.10
CA ALA F 74 1.90 5.33 37.59
C ALA F 74 1.54 4.03 38.29
N THR F 75 1.17 3.01 37.50
CA THR F 75 0.74 1.73 38.03
C THR F 75 1.83 0.68 38.02
N GLU F 76 3.00 1.00 37.48
CA GLU F 76 4.08 0.04 37.42
C GLU F 76 4.69 -0.18 38.80
N GLU F 77 5.03 -1.42 39.11
CA GLU F 77 5.59 -1.78 40.41
C GLU F 77 7.10 -1.67 40.34
N ASN F 78 7.63 -0.55 40.82
CA ASN F 78 9.06 -0.30 40.91
C ASN F 78 9.82 -0.54 39.60
N PRO F 79 9.58 0.26 38.57
CA PRO F 79 10.44 0.23 37.40
C PRO F 79 11.59 1.24 37.52
N GLN F 80 12.49 1.19 36.54
CA GLN F 80 13.63 2.09 36.54
C GLN F 80 13.20 3.54 36.36
N VAL F 81 12.27 3.79 35.45
CA VAL F 81 11.73 5.12 35.21
C VAL F 81 10.21 5.04 35.29
N TYR F 82 9.63 5.79 36.22
CA TYR F 82 8.18 5.77 36.39
C TYR F 82 7.53 6.54 35.24
N PHE F 83 6.39 6.04 34.77
CA PHE F 83 5.68 6.63 33.64
C PHE F 83 4.19 6.64 33.92
N CYS F 84 3.53 7.75 33.58
CA CYS F 84 2.08 7.83 33.70
C CYS F 84 1.52 8.60 32.51
N CYS F 85 0.39 8.13 31.99
CA CYS F 85 -0.28 8.73 30.85
C CYS F 85 -1.65 9.22 31.27
N CYS F 86 -2.02 10.42 30.83
CA CYS F 86 -3.29 11.01 31.24
C CYS F 86 -3.95 11.71 30.06
N GLU F 87 -5.25 11.54 29.93
CA GLU F 87 -6.03 12.23 28.92
C GLU F 87 -6.67 13.47 29.53
N GLY F 88 -6.49 14.60 28.86
CA GLY F 88 -7.04 15.85 29.35
C GLY F 88 -6.16 17.00 28.93
N ASN F 89 -6.41 18.16 29.55
CA ASN F 89 -5.67 19.37 29.28
C ASN F 89 -4.84 19.72 30.52
N PHE F 90 -3.53 19.87 30.33
CA PHE F 90 -2.61 20.23 31.41
C PHE F 90 -2.68 19.23 32.56
N CYS F 91 -2.77 17.94 32.23
CA CYS F 91 -2.75 16.90 33.24
C CYS F 91 -1.34 16.50 33.65
N ASN F 92 -0.32 17.13 33.07
CA ASN F 92 1.07 16.87 33.41
C ASN F 92 1.54 17.69 34.62
N GLU F 93 0.62 18.23 35.42
CA GLU F 93 1.02 19.07 36.53
C GLU F 93 1.63 18.26 37.67
N ARG F 94 0.91 17.23 38.14
CA ARG F 94 1.36 16.41 39.25
C ARG F 94 1.39 14.95 38.84
N PHE F 95 1.92 14.11 39.73
CA PHE F 95 2.02 12.69 39.47
C PHE F 95 2.15 11.94 40.79
N THR F 96 1.85 10.64 40.75
CA THR F 96 1.91 9.79 41.92
C THR F 96 2.28 8.38 41.49
N HIS F 97 2.72 7.57 42.45
CA HIS F 97 3.16 6.20 42.20
C HIS F 97 2.26 5.19 42.89
N LEU F 98 0.96 5.38 42.78
CA LEU F 98 0.02 4.43 43.35
C LEU F 98 -0.18 3.26 42.39
N PRO F 99 0.22 2.03 42.76
CA PRO F 99 0.08 0.87 41.88
C PRO F 99 -1.29 0.21 41.99
#